data_8IJ9
#
_entry.id   8IJ9
#
_cell.length_a   49.193
_cell.length_b   93.227
_cell.length_c   53.077
_cell.angle_alpha   90.00
_cell.angle_beta   103.74
_cell.angle_gamma   90.00
#
_symmetry.space_group_name_H-M   'P 1 21 1'
#
loop_
_entity.id
_entity.type
_entity.pdbx_description
1 polymer 'Ras-related protein Rab-6B'
2 polymer 'ELKS/Rab6-interacting/CAST family member 1'
3 non-polymer "GUANOSINE-5'-TRIPHOSPHATE"
4 non-polymer 'MAGNESIUM ION'
5 non-polymer 'TRIETHYLENE GLYCOL'
6 water water
#
loop_
_entity_poly.entity_id
_entity_poly.type
_entity_poly.pdbx_seq_one_letter_code
_entity_poly.pdbx_strand_id
1 'polypeptide(L)'
;GPGSGNPLRKFKLVFLGEQSVGKTSLITRFMYDSFDNTYQATIGIDFLSKTMYLEDRTVRLQLWDTAGLERFRSLIPSYI
RDSTVAVVVYDITNLNSFQQTSKWIDDVRTERGSDVIIMLVGNKTDLADKRQITIEEGEQRAKELSVMFIETSAKTGYNV
KQLFRRVASALPG
;
A,B
2 'polypeptide(L)' GPGSRKHLEEVLEMKQEALLAAISEKDANIALLELSSSKKKTQEEVAALKREKDRLVQQLKQQTQNRMKLMADNYEDD C,D
#
# COMPACT_ATOMS: atom_id res chain seq x y z
N GLY A 5 27.63 -0.55 0.70
CA GLY A 5 28.99 -0.35 1.19
C GLY A 5 29.23 0.94 1.97
N ASN A 6 28.42 1.97 1.68
CA ASN A 6 28.48 3.29 2.28
C ASN A 6 27.69 3.31 3.58
N PRO A 7 27.91 4.31 4.44
CA PRO A 7 27.08 4.44 5.65
C PRO A 7 25.65 4.84 5.32
N LEU A 8 24.70 4.27 6.05
CA LEU A 8 23.29 4.62 5.87
C LEU A 8 22.79 5.50 7.01
N ARG A 9 22.13 6.62 6.65
CA ARG A 9 21.46 7.48 7.62
C ARG A 9 19.99 7.64 7.27
N LYS A 10 19.16 7.74 8.29
CA LYS A 10 17.74 8.06 8.14
C LYS A 10 17.52 9.56 8.39
N PHE A 11 16.53 10.12 7.69
CA PHE A 11 16.12 11.50 7.92
C PHE A 11 14.60 11.57 7.74
N LYS A 12 13.89 12.23 8.66
CA LYS A 12 12.45 12.30 8.53
C LYS A 12 12.01 13.61 7.90
N LEU A 13 11.06 13.51 6.96
CA LEU A 13 10.49 14.63 6.24
C LEU A 13 9.01 14.71 6.53
N VAL A 14 8.53 15.90 6.94
CA VAL A 14 7.11 16.10 7.17
C VAL A 14 6.55 16.95 6.03
N PHE A 15 5.40 16.52 5.49
CA PHE A 15 4.74 17.23 4.39
C PHE A 15 3.59 18.02 4.97
N LEU A 16 3.59 19.33 4.72
CA LEU A 16 2.66 20.30 5.29
C LEU A 16 2.03 21.14 4.19
N GLY A 17 0.81 21.62 4.43
CA GLY A 17 0.11 22.47 3.50
C GLY A 17 -1.39 22.36 3.66
N GLU A 18 -2.10 23.31 3.02
CA GLU A 18 -3.56 23.32 3.04
C GLU A 18 -4.10 22.04 2.40
N GLN A 19 -5.35 21.72 2.71
CA GLN A 19 -5.95 20.52 2.17
C GLN A 19 -6.01 20.62 0.66
N SER A 20 -5.73 19.50 -0.01
CA SER A 20 -5.90 19.32 -1.43
C SER A 20 -4.85 20.02 -2.31
N VAL A 21 -3.71 20.47 -1.74
CA VAL A 21 -2.69 21.08 -2.58
C VAL A 21 -1.83 20.06 -3.31
N GLY A 22 -1.83 18.80 -2.88
CA GLY A 22 -1.08 17.74 -3.54
C GLY A 22 0.07 17.11 -2.75
N LYS A 23 0.05 17.19 -1.42
CA LYS A 23 1.09 16.56 -0.61
C LYS A 23 1.19 15.06 -0.90
N THR A 24 0.06 14.36 -0.79
CA THR A 24 0.06 12.92 -1.04
C THR A 24 0.40 12.59 -2.49
N SER A 25 -0.11 13.39 -3.43
CA SER A 25 0.17 13.11 -4.84
C SER A 25 1.68 13.21 -5.13
N LEU A 26 2.37 14.19 -4.54
CA LEU A 26 3.83 14.23 -4.72
C LEU A 26 4.49 12.96 -4.19
N ILE A 27 4.05 12.48 -3.03
CA ILE A 27 4.61 11.26 -2.47
C ILE A 27 4.25 10.04 -3.34
N THR A 28 3.01 9.98 -3.82
CA THR A 28 2.62 8.83 -4.64
C THR A 28 3.41 8.79 -5.94
N ARG A 29 3.71 9.97 -6.50
CA ARG A 29 4.51 10.05 -7.71
C ARG A 29 5.95 9.62 -7.47
N PHE A 30 6.52 10.02 -6.33
CA PHE A 30 7.89 9.63 -6.00
C PHE A 30 7.97 8.13 -5.65
N MET A 31 7.02 7.64 -4.86
CA MET A 31 7.06 6.25 -4.38
C MET A 31 6.64 5.24 -5.44
N TYR A 32 5.58 5.53 -6.20
CA TYR A 32 4.98 4.55 -7.07
C TYR A 32 4.94 4.95 -8.52
N ASP A 33 5.50 6.11 -8.87
CA ASP A 33 5.47 6.64 -10.24
C ASP A 33 4.07 6.55 -10.84
N SER A 34 3.10 7.01 -10.06
CA SER A 34 1.70 6.99 -10.44
C SER A 34 1.06 8.30 -10.02
N PHE A 35 -0.16 8.49 -10.53
CA PHE A 35 -0.99 9.63 -10.15
C PHE A 35 -2.44 9.15 -10.07
N ASP A 36 -3.14 9.59 -9.02
CA ASP A 36 -4.52 9.20 -8.74
C ASP A 36 -5.39 10.42 -8.99
N ASN A 37 -6.30 10.32 -9.96
CA ASN A 37 -7.12 11.48 -10.26
C ASN A 37 -8.18 11.73 -9.20
N THR A 38 -8.64 10.67 -8.54
CA THR A 38 -9.70 10.78 -7.55
C THR A 38 -9.10 11.21 -6.22
N TYR A 39 -9.60 12.30 -5.67
CA TYR A 39 -9.08 12.84 -4.43
C TYR A 39 -9.43 11.91 -3.27
N GLN A 40 -8.43 11.44 -2.57
CA GLN A 40 -8.65 10.70 -1.33
C GLN A 40 -7.90 11.46 -0.24
N ALA A 41 -8.62 12.22 0.57
CA ALA A 41 -8.02 13.02 1.61
C ALA A 41 -7.25 12.13 2.59
N THR A 42 -6.11 12.60 3.07
CA THR A 42 -5.37 11.90 4.12
C THR A 42 -6.09 12.02 5.46
N ILE A 43 -6.40 10.89 6.07
CA ILE A 43 -7.06 10.82 7.38
C ILE A 43 -5.97 10.73 8.45
N GLY A 44 -5.70 11.83 9.13
CA GLY A 44 -4.64 11.88 10.13
C GLY A 44 -3.23 12.03 9.56
N ILE A 45 -2.33 11.07 9.80
CA ILE A 45 -0.96 11.09 9.27
C ILE A 45 -0.60 9.70 8.76
N ASP A 46 0.18 9.66 7.67
CA ASP A 46 0.61 8.41 7.05
C ASP A 46 2.13 8.36 6.98
N PHE A 47 2.67 7.14 6.92
CA PHE A 47 4.10 6.90 6.92
C PHE A 47 4.50 6.14 5.67
N LEU A 48 5.48 6.67 4.94
CA LEU A 48 6.06 6.01 3.78
C LEU A 48 7.57 6.25 3.83
N SER A 49 8.32 5.41 3.12
CA SER A 49 9.77 5.54 3.14
C SER A 49 10.36 5.00 1.85
N LYS A 50 11.59 5.45 1.56
CA LYS A 50 12.33 5.06 0.38
C LYS A 50 13.80 5.29 0.62
N THR A 51 14.64 4.40 0.11
CA THR A 51 16.09 4.57 0.21
C THR A 51 16.62 5.34 -1.00
N MET A 52 17.52 6.28 -0.77
CA MET A 52 18.15 6.99 -1.88
C MET A 52 19.65 6.79 -1.78
N TYR A 53 20.30 6.55 -2.91
CA TYR A 53 21.74 6.36 -2.97
C TYR A 53 22.44 7.62 -3.46
N LEU A 54 23.51 7.99 -2.75
CA LEU A 54 24.28 9.18 -3.06
C LEU A 54 25.76 8.82 -3.04
N GLU A 55 26.57 9.69 -3.60
CA GLU A 55 28.01 9.48 -3.55
C GLU A 55 28.45 9.40 -2.10
N ASP A 56 29.01 8.25 -1.73
CA ASP A 56 29.61 8.00 -0.43
C ASP A 56 28.63 8.02 0.74
N ARG A 57 27.31 8.07 0.47
CA ARG A 57 26.28 8.02 1.50
C ARG A 57 25.00 7.40 0.96
N THR A 58 24.29 6.69 1.82
CA THR A 58 22.96 6.20 1.55
C THR A 58 22.03 6.81 2.56
N VAL A 59 20.86 7.29 2.14
CA VAL A 59 19.90 7.88 3.07
C VAL A 59 18.59 7.14 2.96
N ARG A 60 17.96 6.94 4.11
CA ARG A 60 16.63 6.38 4.17
C ARG A 60 15.68 7.55 4.44
N LEU A 61 14.94 7.98 3.42
CA LEU A 61 13.98 9.06 3.59
C LEU A 61 12.70 8.49 4.18
N GLN A 62 12.30 9.02 5.33
CA GLN A 62 11.09 8.59 6.02
C GLN A 62 10.11 9.76 5.98
N LEU A 63 8.89 9.51 5.51
CA LEU A 63 7.96 10.57 5.17
C LEU A 63 6.73 10.53 6.06
N TRP A 64 6.48 11.62 6.79
CA TRP A 64 5.21 11.81 7.49
C TRP A 64 4.30 12.63 6.59
N ASP A 65 3.25 12.02 6.07
CA ASP A 65 2.32 12.72 5.18
C ASP A 65 1.12 13.17 6.02
N THR A 66 0.99 14.48 6.27
CA THR A 66 -0.03 14.91 7.21
C THR A 66 -1.28 15.37 6.48
N ALA A 67 -2.41 15.27 7.17
CA ALA A 67 -3.68 15.75 6.62
C ALA A 67 -3.76 17.27 6.62
N GLY A 68 -4.33 17.81 5.55
CA GLY A 68 -4.71 19.22 5.57
C GLY A 68 -6.06 19.52 6.21
N LEU A 69 -6.91 18.52 6.44
CA LEU A 69 -8.22 18.79 7.02
C LEU A 69 -8.06 19.34 8.43
N GLU A 70 -8.84 20.38 8.73
CA GLU A 70 -8.56 21.19 9.90
C GLU A 70 -8.68 20.38 11.19
N ARG A 71 -9.50 19.32 11.21
CA ARG A 71 -9.74 18.61 12.47
C ARG A 71 -8.48 17.92 12.99
N PHE A 72 -7.50 17.64 12.14
CA PHE A 72 -6.25 17.00 12.52
C PHE A 72 -5.15 18.00 12.86
N ARG A 73 -5.46 19.30 12.85
CA ARG A 73 -4.39 20.31 12.87
C ARG A 73 -3.54 20.22 14.12
N SER A 74 -4.16 19.93 15.27
CA SER A 74 -3.39 19.93 16.49
C SER A 74 -2.49 18.72 16.62
N LEU A 75 -2.56 17.76 15.70
CA LEU A 75 -1.70 16.59 15.76
C LEU A 75 -0.37 16.84 15.06
N ILE A 76 -0.31 17.88 14.25
CA ILE A 76 0.82 18.10 13.36
C ILE A 76 2.08 18.60 14.04
N PRO A 77 2.03 19.48 15.05
CA PRO A 77 3.28 19.89 15.70
C PRO A 77 4.15 18.71 16.17
N SER A 78 3.54 17.61 16.62
CA SER A 78 4.31 16.42 17.01
C SER A 78 5.18 15.91 15.87
N TYR A 79 4.65 15.89 14.66
CA TYR A 79 5.41 15.36 13.53
C TYR A 79 6.44 16.36 13.01
N ILE A 80 6.17 17.65 13.15
CA ILE A 80 7.20 18.64 12.82
C ILE A 80 8.40 18.46 13.73
N ARG A 81 8.15 18.32 15.04
CA ARG A 81 9.24 18.12 16.00
C ARG A 81 10.05 16.86 15.71
N ASP A 82 9.40 15.82 15.19
CA ASP A 82 10.01 14.53 14.86
C ASP A 82 10.87 14.57 13.60
N SER A 83 10.84 15.67 12.83
CA SER A 83 11.38 15.70 11.48
C SER A 83 12.49 16.74 11.36
N THR A 84 13.53 16.42 10.60
CA THR A 84 14.59 17.38 10.30
C THR A 84 14.33 18.16 9.00
N VAL A 85 13.42 17.69 8.16
CA VAL A 85 13.08 18.37 6.93
C VAL A 85 11.57 18.61 6.90
N ALA A 86 11.16 19.81 6.45
CA ALA A 86 9.76 20.17 6.23
C ALA A 86 9.54 20.54 4.76
N VAL A 87 8.61 19.86 4.11
CA VAL A 87 8.21 20.17 2.74
C VAL A 87 6.86 20.86 2.83
N VAL A 88 6.84 22.18 2.59
CA VAL A 88 5.64 23.02 2.69
C VAL A 88 5.10 23.23 1.28
N VAL A 89 3.88 22.72 1.01
CA VAL A 89 3.34 22.63 -0.34
C VAL A 89 2.17 23.60 -0.49
N TYR A 90 2.14 24.32 -1.62
CA TYR A 90 0.96 25.08 -1.98
C TYR A 90 0.58 24.72 -3.41
N ASP A 91 -0.53 25.30 -3.84
CA ASP A 91 -1.15 25.05 -5.13
C ASP A 91 -1.06 26.35 -5.93
N ILE A 92 -0.39 26.31 -7.09
CA ILE A 92 -0.10 27.54 -7.85
C ILE A 92 -1.34 28.21 -8.40
N THR A 93 -2.48 27.51 -8.38
CA THR A 93 -3.77 28.06 -8.79
C THR A 93 -4.55 28.61 -7.61
N ASN A 94 -3.97 28.63 -6.42
CA ASN A 94 -4.72 28.87 -5.19
C ASN A 94 -3.90 29.83 -4.32
N LEU A 95 -4.27 31.11 -4.39
CA LEU A 95 -3.52 32.17 -3.72
C LEU A 95 -3.52 31.99 -2.20
N ASN A 96 -4.70 31.69 -1.61
CA ASN A 96 -4.79 31.43 -0.18
C ASN A 96 -3.82 30.34 0.27
N SER A 97 -3.68 29.26 -0.50
CA SER A 97 -2.76 28.19 -0.10
C SER A 97 -1.34 28.70 -0.07
N PHE A 98 -1.01 29.63 -0.97
CA PHE A 98 0.32 30.25 -0.95
C PHE A 98 0.51 31.14 0.26
N GLN A 99 -0.47 32.02 0.54
CA GLN A 99 -0.36 32.88 1.71
C GLN A 99 -0.17 32.08 2.99
N GLN A 100 -0.88 30.95 3.12
CA GLN A 100 -0.82 30.15 4.32
C GLN A 100 0.54 29.47 4.52
N THR A 101 1.39 29.42 3.48
CA THR A 101 2.69 28.77 3.67
C THR A 101 3.54 29.56 4.65
N SER A 102 3.33 30.88 4.77
CA SER A 102 4.03 31.66 5.80
C SER A 102 3.67 31.16 7.19
N LYS A 103 2.41 30.78 7.40
CA LYS A 103 1.99 30.22 8.69
C LYS A 103 2.58 28.84 8.90
N TRP A 104 2.51 27.99 7.87
CA TRP A 104 3.12 26.66 8.00
C TRP A 104 4.59 26.78 8.35
N ILE A 105 5.33 27.63 7.62
CA ILE A 105 6.76 27.77 7.86
C ILE A 105 7.04 28.30 9.26
N ASP A 106 6.24 29.29 9.70
CA ASP A 106 6.38 29.82 11.06
C ASP A 106 6.14 28.73 12.11
N ASP A 107 5.18 27.84 11.86
CA ASP A 107 4.95 26.72 12.78
C ASP A 107 6.14 25.77 12.79
N VAL A 108 6.79 25.57 11.63
CA VAL A 108 7.99 24.73 11.60
C VAL A 108 9.05 25.32 12.51
N ARG A 109 9.28 26.62 12.39
CA ARG A 109 10.32 27.25 13.18
C ARG A 109 9.95 27.32 14.65
N THR A 110 8.65 27.33 14.97
CA THR A 110 8.25 27.23 16.36
C THR A 110 8.69 25.90 16.96
N GLU A 111 8.65 24.83 16.15
CA GLU A 111 9.02 23.53 16.67
C GLU A 111 10.50 23.20 16.51
N ARG A 112 11.19 23.75 15.49
CA ARG A 112 12.55 23.35 15.15
C ARG A 112 13.57 24.48 15.14
N GLY A 113 13.15 25.75 15.07
CA GLY A 113 14.14 26.82 14.98
C GLY A 113 14.86 26.77 13.65
N SER A 114 16.20 26.91 13.70
CA SER A 114 17.07 26.76 12.54
C SER A 114 17.52 25.33 12.29
N ASP A 115 17.27 24.42 13.22
CA ASP A 115 17.67 23.02 13.11
C ASP A 115 16.70 22.26 12.18
N VAL A 116 16.58 22.75 10.95
CA VAL A 116 15.61 22.18 10.01
C VAL A 116 15.93 22.68 8.61
N ILE A 117 15.71 21.81 7.62
CA ILE A 117 15.74 22.18 6.21
C ILE A 117 14.32 22.33 5.71
N ILE A 118 14.01 23.45 5.04
CA ILE A 118 12.64 23.71 4.58
C ILE A 118 12.63 23.91 3.07
N MET A 119 11.79 23.13 2.39
CA MET A 119 11.56 23.22 0.95
C MET A 119 10.14 23.72 0.73
N LEU A 120 9.99 24.87 0.07
CA LEU A 120 8.68 25.39 -0.32
C LEU A 120 8.36 24.88 -1.73
N VAL A 121 7.15 24.33 -1.91
CA VAL A 121 6.81 23.64 -3.15
C VAL A 121 5.56 24.27 -3.72
N GLY A 122 5.65 24.82 -4.92
CA GLY A 122 4.46 25.21 -5.65
C GLY A 122 4.02 24.13 -6.62
N ASN A 123 2.97 23.40 -6.28
CA ASN A 123 2.53 22.22 -7.01
C ASN A 123 1.40 22.58 -8.00
N LYS A 124 1.14 21.65 -8.93
CA LYS A 124 0.08 21.76 -9.95
C LYS A 124 0.46 22.73 -11.09
N THR A 125 1.74 22.78 -11.47
CA THR A 125 2.13 23.67 -12.57
C THR A 125 1.43 23.34 -13.88
N ASP A 126 0.89 22.12 -13.99
CA ASP A 126 0.18 21.72 -15.20
C ASP A 126 -1.13 22.45 -15.37
N LEU A 127 -1.65 23.08 -14.31
CA LEU A 127 -2.86 23.90 -14.43
C LEU A 127 -2.50 25.35 -14.74
N ALA A 128 -1.77 25.53 -15.84
CA ALA A 128 -1.18 26.83 -16.17
C ALA A 128 -2.23 27.89 -16.42
N ASP A 129 -3.38 27.54 -16.99
CA ASP A 129 -4.42 28.51 -17.26
C ASP A 129 -5.11 29.04 -16.01
N LYS A 130 -4.88 28.42 -14.85
CA LYS A 130 -5.54 28.84 -13.63
C LYS A 130 -4.56 29.39 -12.61
N ARG A 131 -3.30 29.58 -13.00
CA ARG A 131 -2.26 30.07 -12.11
C ARG A 131 -2.64 31.41 -11.47
N GLN A 132 -2.43 31.51 -10.16
CA GLN A 132 -2.71 32.70 -9.37
C GLN A 132 -1.46 33.30 -8.75
N ILE A 133 -0.33 32.59 -8.76
CA ILE A 133 0.94 33.07 -8.22
C ILE A 133 2.03 32.80 -9.24
N THR A 134 2.85 33.81 -9.55
CA THR A 134 3.94 33.58 -10.49
C THR A 134 5.06 32.76 -9.85
N ILE A 135 5.87 32.15 -10.73
CA ILE A 135 7.02 31.45 -10.19
C ILE A 135 7.98 32.43 -9.50
N GLU A 136 8.05 33.67 -9.98
CA GLU A 136 8.89 34.70 -9.35
C GLU A 136 8.45 35.01 -7.94
N GLU A 137 7.14 35.15 -7.70
CA GLU A 137 6.66 35.42 -6.35
C GLU A 137 7.00 34.26 -5.41
N GLY A 138 6.93 33.04 -5.90
CA GLY A 138 7.31 31.91 -5.05
C GLY A 138 8.79 31.92 -4.75
N GLU A 139 9.60 32.17 -5.77
CA GLU A 139 11.05 32.23 -5.58
C GLU A 139 11.43 33.31 -4.58
N GLN A 140 10.78 34.47 -4.66
CA GLN A 140 11.14 35.57 -3.77
C GLN A 140 10.64 35.34 -2.34
N ARG A 141 9.43 34.81 -2.19
CA ARG A 141 8.95 34.41 -0.87
C ARG A 141 9.94 33.45 -0.20
N ALA A 142 10.37 32.42 -0.93
CA ALA A 142 11.29 31.45 -0.34
C ALA A 142 12.58 32.12 0.08
N LYS A 143 13.11 33.00 -0.76
CA LYS A 143 14.34 33.71 -0.39
C LYS A 143 14.12 34.58 0.83
N GLU A 144 12.94 35.19 0.95
CA GLU A 144 12.69 36.05 2.11
C GLU A 144 12.58 35.25 3.41
N LEU A 145 12.10 34.02 3.36
CA LEU A 145 11.98 33.17 4.53
C LEU A 145 13.17 32.24 4.70
N SER A 146 14.20 32.41 3.85
CA SER A 146 15.40 31.58 3.83
C SER A 146 15.07 30.09 3.75
N VAL A 147 14.27 29.73 2.74
CA VAL A 147 13.96 28.33 2.47
C VAL A 147 14.26 28.02 0.99
N MET A 148 14.33 26.72 0.69
CA MET A 148 14.49 26.25 -0.69
C MET A 148 13.16 26.35 -1.41
N PHE A 149 13.20 26.29 -2.73
CA PHE A 149 11.99 26.46 -3.51
C PHE A 149 12.03 25.59 -4.76
N ILE A 150 10.86 25.13 -5.18
CA ILE A 150 10.72 24.41 -6.44
C ILE A 150 9.24 24.45 -6.83
N GLU A 151 8.97 24.41 -8.15
CA GLU A 151 7.61 24.17 -8.65
C GLU A 151 7.53 22.78 -9.28
N THR A 152 6.41 22.10 -9.07
CA THR A 152 6.23 20.71 -9.48
C THR A 152 4.85 20.52 -10.10
N SER A 153 4.70 19.38 -10.76
CA SER A 153 3.39 18.82 -11.08
C SER A 153 3.40 17.34 -10.72
N ALA A 154 2.68 16.96 -9.67
CA ALA A 154 2.55 15.52 -9.38
C ALA A 154 1.82 14.80 -10.51
N LYS A 155 0.94 15.52 -11.21
CA LYS A 155 0.16 14.91 -12.29
C LYS A 155 1.05 14.49 -13.46
N THR A 156 1.95 15.37 -13.92
CA THR A 156 2.83 15.01 -15.03
C THR A 156 4.15 14.42 -14.57
N GLY A 157 4.47 14.51 -13.28
CA GLY A 157 5.78 14.14 -12.78
C GLY A 157 6.84 15.25 -12.82
N TYR A 158 6.52 16.41 -13.38
CA TYR A 158 7.52 17.46 -13.57
C TYR A 158 8.16 17.87 -12.25
N ASN A 159 9.49 17.78 -12.20
CA ASN A 159 10.30 18.22 -11.06
C ASN A 159 10.06 17.39 -9.79
N VAL A 160 9.30 16.29 -9.84
CA VAL A 160 9.07 15.57 -8.60
C VAL A 160 10.33 14.83 -8.14
N LYS A 161 11.01 14.12 -9.04
CA LYS A 161 12.28 13.49 -8.67
C LYS A 161 13.30 14.54 -8.25
N GLN A 162 13.33 15.69 -8.93
CA GLN A 162 14.29 16.72 -8.57
C GLN A 162 14.01 17.27 -7.19
N LEU A 163 12.74 17.32 -6.77
CA LEU A 163 12.39 17.77 -5.43
C LEU A 163 13.08 16.93 -4.37
N PHE A 164 12.98 15.60 -4.49
CA PHE A 164 13.55 14.74 -3.46
C PHE A 164 15.06 14.65 -3.57
N ARG A 165 15.60 14.68 -4.80
CA ARG A 165 17.04 14.71 -4.96
C ARG A 165 17.65 15.95 -4.33
N ARG A 166 17.01 17.11 -4.54
CA ARG A 166 17.57 18.34 -4.00
C ARG A 166 17.51 18.33 -2.47
N VAL A 167 16.42 17.80 -1.92
CA VAL A 167 16.33 17.67 -0.47
C VAL A 167 17.40 16.70 0.05
N ALA A 168 17.58 15.57 -0.63
CA ALA A 168 18.54 14.58 -0.16
C ALA A 168 19.97 15.11 -0.25
N SER A 169 20.27 15.89 -1.28
CA SER A 169 21.60 16.49 -1.39
C SER A 169 21.85 17.54 -0.31
N ALA A 170 20.81 18.10 0.29
CA ALA A 170 20.98 19.10 1.34
C ALA A 170 21.21 18.49 2.73
N LEU A 171 21.03 17.19 2.90
CA LEU A 171 21.14 16.55 4.21
C LEU A 171 22.61 16.40 4.62
N PRO A 172 22.91 16.51 5.93
CA PRO A 172 24.26 16.34 6.50
C PRO A 172 24.95 15.01 6.17
N PRO B 7 15.97 -6.88 -13.36
CA PRO B 7 15.53 -7.05 -11.98
C PRO B 7 14.02 -6.89 -11.82
N LEU B 8 13.25 -7.75 -12.48
CA LEU B 8 11.80 -7.80 -12.31
C LEU B 8 11.49 -8.89 -11.30
N ARG B 9 10.62 -8.60 -10.35
CA ARG B 9 10.25 -9.55 -9.34
C ARG B 9 8.79 -9.91 -9.55
N LYS B 10 8.48 -11.21 -9.58
CA LYS B 10 7.10 -11.65 -9.66
C LYS B 10 6.68 -12.19 -8.30
N PHE B 11 5.43 -11.92 -7.94
CA PHE B 11 4.88 -12.34 -6.68
C PHE B 11 3.43 -12.71 -6.82
N LYS B 12 3.05 -13.82 -6.20
CA LYS B 12 1.69 -14.32 -6.31
C LYS B 12 0.86 -13.93 -5.10
N LEU B 13 -0.35 -13.47 -5.38
CA LEU B 13 -1.35 -13.12 -4.38
C LEU B 13 -2.58 -13.97 -4.61
N VAL B 14 -3.12 -14.59 -3.55
CA VAL B 14 -4.38 -15.30 -3.65
C VAL B 14 -5.47 -14.52 -2.93
N PHE B 15 -6.62 -14.39 -3.57
CA PHE B 15 -7.77 -13.71 -3.00
C PHE B 15 -8.77 -14.75 -2.50
N LEU B 16 -9.10 -14.67 -1.21
CA LEU B 16 -9.91 -15.64 -0.50
C LEU B 16 -11.06 -14.93 0.21
N GLY B 17 -12.15 -15.65 0.41
CA GLY B 17 -13.28 -15.13 1.18
C GLY B 17 -14.57 -15.77 0.73
N GLU B 18 -15.61 -15.54 1.54
CA GLU B 18 -16.93 -16.06 1.22
C GLU B 18 -17.47 -15.52 -0.11
N GLN B 19 -18.47 -16.22 -0.62
CA GLN B 19 -19.07 -15.85 -1.89
C GLN B 19 -19.64 -14.43 -1.86
N SER B 20 -19.41 -13.67 -2.94
CA SER B 20 -19.96 -12.33 -3.18
C SER B 20 -19.39 -11.21 -2.31
N VAL B 21 -18.29 -11.43 -1.60
CA VAL B 21 -17.72 -10.36 -0.77
C VAL B 21 -17.00 -9.27 -1.58
N GLY B 22 -16.64 -9.52 -2.84
CA GLY B 22 -15.99 -8.52 -3.67
C GLY B 22 -14.54 -8.82 -4.07
N LYS B 23 -14.11 -10.09 -3.99
CA LYS B 23 -12.77 -10.46 -4.43
C LYS B 23 -12.56 -10.03 -5.89
N THR B 24 -13.43 -10.48 -6.79
CA THR B 24 -13.27 -10.16 -8.20
C THR B 24 -13.42 -8.66 -8.44
N SER B 25 -14.36 -8.00 -7.76
CA SER B 25 -14.53 -6.56 -7.97
C SER B 25 -13.31 -5.77 -7.49
N LEU B 26 -12.68 -6.19 -6.40
CA LEU B 26 -11.43 -5.51 -5.99
C LEU B 26 -10.36 -5.65 -7.06
N ILE B 27 -10.19 -6.85 -7.60
CA ILE B 27 -9.17 -7.05 -8.63
C ILE B 27 -9.52 -6.26 -9.89
N THR B 28 -10.81 -6.24 -10.27
CA THR B 28 -11.21 -5.53 -11.48
C THR B 28 -11.01 -4.03 -11.33
N ARG B 29 -11.27 -3.51 -10.13
CA ARG B 29 -11.03 -2.09 -9.88
C ARG B 29 -9.54 -1.77 -9.97
N PHE B 30 -8.69 -2.65 -9.48
CA PHE B 30 -7.26 -2.41 -9.57
C PHE B 30 -6.75 -2.55 -11.00
N MET B 31 -7.21 -3.57 -11.72
CA MET B 31 -6.69 -3.86 -13.06
C MET B 31 -7.13 -2.82 -14.07
N TYR B 32 -8.42 -2.45 -14.01
CA TYR B 32 -9.03 -1.68 -15.07
C TYR B 32 -9.70 -0.40 -14.61
N ASP B 33 -9.65 -0.10 -13.31
CA ASP B 33 -10.32 1.07 -12.75
C ASP B 33 -11.78 1.18 -13.19
N SER B 34 -12.49 0.04 -13.11
CA SER B 34 -13.90 -0.02 -13.47
C SER B 34 -14.63 -0.87 -12.42
N PHE B 35 -15.96 -0.78 -12.42
CA PHE B 35 -16.81 -1.55 -11.52
C PHE B 35 -18.10 -1.93 -12.22
N ASP B 36 -18.56 -3.14 -11.99
CA ASP B 36 -19.80 -3.66 -12.55
C ASP B 36 -20.69 -4.10 -11.40
N ASN B 37 -21.89 -3.54 -11.31
CA ASN B 37 -22.81 -3.97 -10.25
C ASN B 37 -23.33 -5.38 -10.47
N THR B 38 -23.26 -5.90 -11.70
CA THR B 38 -23.79 -7.21 -12.04
C THR B 38 -22.86 -8.31 -11.54
N TYR B 39 -23.41 -9.24 -10.76
CA TYR B 39 -22.61 -10.33 -10.22
C TYR B 39 -22.27 -11.34 -11.30
N GLN B 40 -20.97 -11.58 -11.51
CA GLN B 40 -20.51 -12.72 -12.31
C GLN B 40 -19.62 -13.57 -11.42
N ALA B 41 -20.20 -14.66 -10.92
CA ALA B 41 -19.51 -15.52 -9.98
C ALA B 41 -18.22 -16.06 -10.57
N THR B 42 -17.20 -16.17 -9.72
CA THR B 42 -16.02 -16.96 -10.05
C THR B 42 -16.42 -18.41 -9.79
N ILE B 43 -16.52 -19.22 -10.84
CA ILE B 43 -17.00 -20.58 -10.62
C ILE B 43 -15.87 -21.52 -10.23
N GLY B 44 -14.62 -21.09 -10.34
CA GLY B 44 -13.47 -21.90 -10.04
C GLY B 44 -12.27 -21.05 -9.65
N ILE B 45 -11.36 -20.90 -10.60
CA ILE B 45 -10.14 -20.11 -10.47
C ILE B 45 -10.06 -19.16 -11.65
N ASP B 46 -9.46 -18.01 -11.42
CA ASP B 46 -9.08 -17.09 -12.49
C ASP B 46 -7.69 -16.56 -12.18
N PHE B 47 -7.00 -16.15 -13.23
CA PHE B 47 -5.66 -15.59 -13.11
C PHE B 47 -5.64 -14.21 -13.76
N LEU B 48 -5.15 -13.20 -13.03
CA LEU B 48 -4.97 -11.86 -13.56
C LEU B 48 -3.61 -11.34 -13.11
N SER B 49 -3.09 -10.32 -13.80
CA SER B 49 -1.78 -9.82 -13.41
C SER B 49 -1.60 -8.37 -13.82
N LYS B 50 -0.66 -7.70 -13.14
CA LYS B 50 -0.39 -6.30 -13.41
C LYS B 50 1.02 -5.95 -12.93
N THR B 51 1.71 -5.10 -13.70
CA THR B 51 3.03 -4.61 -13.31
C THR B 51 2.86 -3.31 -12.52
N MET B 52 3.59 -3.23 -11.39
CA MET B 52 3.66 -2.09 -10.48
C MET B 52 5.10 -1.60 -10.31
N TYR B 53 5.28 -0.30 -10.14
CA TYR B 53 6.58 0.26 -9.79
C TYR B 53 6.51 0.73 -8.33
N LEU B 54 7.49 0.33 -7.51
CA LEU B 54 7.58 0.90 -6.17
C LEU B 54 9.03 0.99 -5.76
N GLU B 55 9.35 2.06 -5.01
CA GLU B 55 10.68 2.37 -4.53
C GLU B 55 11.74 1.91 -5.53
N ASP B 56 11.64 2.38 -6.78
CA ASP B 56 12.59 2.12 -7.85
C ASP B 56 12.67 0.67 -8.27
N ARG B 57 11.73 -0.16 -7.85
CA ARG B 57 11.68 -1.58 -8.17
C ARG B 57 10.45 -1.82 -9.03
N THR B 58 10.54 -2.81 -9.93
CA THR B 58 9.40 -3.21 -10.74
C THR B 58 8.93 -4.60 -10.34
N VAL B 59 7.64 -4.73 -10.04
CA VAL B 59 7.08 -6.01 -9.62
C VAL B 59 5.92 -6.38 -10.52
N ARG B 60 5.82 -7.67 -10.79
CA ARG B 60 4.70 -8.26 -11.51
C ARG B 60 3.81 -8.95 -10.48
N LEU B 61 2.66 -8.35 -10.20
CA LEU B 61 1.70 -8.95 -9.29
C LEU B 61 0.90 -9.98 -10.07
N GLN B 62 0.91 -11.23 -9.64
CA GLN B 62 0.15 -12.28 -10.28
C GLN B 62 -0.97 -12.69 -9.35
N LEU B 63 -2.21 -12.60 -9.81
CA LEU B 63 -3.37 -12.68 -8.95
C LEU B 63 -4.17 -13.95 -9.20
N TRP B 64 -4.30 -14.80 -8.17
CA TRP B 64 -5.21 -15.94 -8.21
C TRP B 64 -6.54 -15.51 -7.59
N ASP B 65 -7.58 -15.46 -8.40
CA ASP B 65 -8.93 -15.09 -7.96
C ASP B 65 -9.74 -16.39 -7.78
N THR B 66 -10.12 -16.71 -6.53
CA THR B 66 -10.76 -17.98 -6.19
C THR B 66 -12.27 -17.84 -5.98
N ALA B 67 -12.97 -18.97 -6.19
CA ALA B 67 -14.41 -19.06 -5.93
C ALA B 67 -14.67 -19.10 -4.43
N GLY B 68 -15.71 -18.39 -4.01
CA GLY B 68 -16.20 -18.56 -2.67
C GLY B 68 -17.22 -19.66 -2.52
N LEU B 69 -17.77 -20.15 -3.62
CA LEU B 69 -18.80 -21.19 -3.53
C LEU B 69 -18.24 -22.48 -2.92
N GLU B 70 -19.08 -23.17 -2.13
CA GLU B 70 -18.57 -24.20 -1.22
C GLU B 70 -17.86 -25.34 -1.93
N ARG B 71 -18.27 -25.68 -3.16
CA ARG B 71 -17.73 -26.86 -3.82
C ARG B 71 -16.24 -26.73 -4.17
N PHE B 72 -15.73 -25.50 -4.31
CA PHE B 72 -14.34 -25.24 -4.65
C PHE B 72 -13.44 -25.17 -3.41
N ARG B 73 -14.04 -25.30 -2.22
CA ARG B 73 -13.30 -25.04 -0.99
CA ARG B 73 -13.29 -25.04 -1.00
C ARG B 73 -12.07 -25.95 -0.90
N SER B 74 -12.21 -27.22 -1.26
CA SER B 74 -11.08 -28.15 -1.14
C SER B 74 -9.97 -27.90 -2.16
N LEU B 75 -10.18 -27.05 -3.16
CA LEU B 75 -9.13 -26.72 -4.13
C LEU B 75 -8.33 -25.48 -3.79
N ILE B 76 -8.75 -24.71 -2.78
CA ILE B 76 -8.12 -23.45 -2.39
C ILE B 76 -6.74 -23.63 -1.75
N PRO B 77 -6.48 -24.66 -0.92
CA PRO B 77 -5.12 -24.81 -0.39
C PRO B 77 -4.03 -24.86 -1.45
N SER B 78 -4.33 -25.39 -2.65
CA SER B 78 -3.35 -25.36 -3.74
C SER B 78 -2.91 -23.93 -4.05
N TYR B 79 -3.86 -23.00 -4.07
CA TYR B 79 -3.52 -21.63 -4.41
C TYR B 79 -2.88 -20.92 -3.25
N ILE B 80 -3.25 -21.31 -2.03
CA ILE B 80 -2.55 -20.77 -0.86
C ILE B 80 -1.09 -21.18 -0.90
N ARG B 81 -0.84 -22.47 -1.17
CA ARG B 81 0.54 -22.94 -1.23
C ARG B 81 1.33 -22.23 -2.33
N ASP B 82 0.65 -21.86 -3.42
CA ASP B 82 1.33 -21.21 -4.55
C ASP B 82 1.63 -19.74 -4.31
N SER B 83 1.10 -19.13 -3.26
CA SER B 83 1.09 -17.68 -3.15
C SER B 83 1.88 -17.20 -1.95
N THR B 84 2.52 -16.04 -2.12
CA THR B 84 3.28 -15.38 -1.05
C THR B 84 2.40 -14.50 -0.19
N VAL B 85 1.30 -14.01 -0.74
CA VAL B 85 0.38 -13.14 -0.03
C VAL B 85 -1.01 -13.75 -0.12
N ALA B 86 -1.74 -13.69 0.99
CA ALA B 86 -3.14 -14.08 1.06
C ALA B 86 -3.95 -12.85 1.41
N VAL B 87 -4.90 -12.51 0.55
CA VAL B 87 -5.81 -11.40 0.78
C VAL B 87 -7.16 -11.99 1.18
N VAL B 88 -7.52 -11.87 2.45
CA VAL B 88 -8.75 -12.46 2.98
C VAL B 88 -9.80 -11.35 3.06
N VAL B 89 -10.90 -11.50 2.32
CA VAL B 89 -11.87 -10.43 2.12
C VAL B 89 -13.18 -10.83 2.79
N TYR B 90 -13.80 -9.89 3.48
CA TYR B 90 -15.17 -10.01 3.94
C TYR B 90 -15.96 -8.79 3.47
N ASP B 91 -17.27 -8.80 3.75
CA ASP B 91 -18.23 -7.78 3.36
C ASP B 91 -18.75 -7.11 4.63
N ILE B 92 -18.55 -5.79 4.76
CA ILE B 92 -18.87 -5.11 6.01
C ILE B 92 -20.36 -5.11 6.31
N THR B 93 -21.19 -5.47 5.35
CA THR B 93 -22.62 -5.57 5.54
C THR B 93 -23.07 -6.99 5.89
N ASN B 94 -22.15 -7.95 6.03
CA ASN B 94 -22.56 -9.34 6.12
C ASN B 94 -21.81 -10.05 7.25
N LEU B 95 -22.51 -10.26 8.36
CA LEU B 95 -21.89 -10.83 9.56
C LEU B 95 -21.21 -12.16 9.29
N ASN B 96 -21.92 -13.10 8.62
CA ASN B 96 -21.31 -14.39 8.33
C ASN B 96 -19.96 -14.25 7.60
N SER B 97 -19.86 -13.34 6.64
CA SER B 97 -18.62 -13.21 5.87
C SER B 97 -17.46 -12.80 6.76
N PHE B 98 -17.71 -11.97 7.78
CA PHE B 98 -16.67 -11.58 8.75
C PHE B 98 -16.35 -12.72 9.69
N GLN B 99 -17.37 -13.40 10.24
CA GLN B 99 -17.15 -14.50 11.17
C GLN B 99 -16.23 -15.56 10.59
N GLN B 100 -16.36 -15.86 9.29
CA GLN B 100 -15.56 -16.89 8.65
C GLN B 100 -14.08 -16.50 8.51
N THR B 101 -13.73 -15.22 8.70
CA THR B 101 -12.36 -14.81 8.40
C THR B 101 -11.33 -15.47 9.33
N SER B 102 -11.70 -15.78 10.57
CA SER B 102 -10.77 -16.53 11.43
C SER B 102 -10.41 -17.89 10.84
N LYS B 103 -11.39 -18.57 10.24
CA LYS B 103 -11.14 -19.87 9.64
C LYS B 103 -10.25 -19.77 8.41
N TRP B 104 -10.57 -18.82 7.51
CA TRP B 104 -9.74 -18.57 6.33
C TRP B 104 -8.30 -18.30 6.74
N ILE B 105 -8.13 -17.45 7.74
CA ILE B 105 -6.79 -17.10 8.18
C ILE B 105 -6.09 -18.32 8.80
N ASP B 106 -6.79 -19.12 9.61
CA ASP B 106 -6.18 -20.33 10.14
C ASP B 106 -5.78 -21.29 9.02
N ASP B 107 -6.61 -21.39 7.98
CA ASP B 107 -6.30 -22.24 6.82
C ASP B 107 -5.07 -21.77 6.06
N VAL B 108 -4.88 -20.46 5.93
CA VAL B 108 -3.67 -19.97 5.28
C VAL B 108 -2.46 -20.43 6.07
N ARG B 109 -2.50 -20.25 7.39
CA ARG B 109 -1.37 -20.57 8.22
C ARG B 109 -1.11 -22.07 8.27
N THR B 110 -2.16 -22.89 8.10
CA THR B 110 -1.97 -24.33 8.02
C THR B 110 -1.08 -24.72 6.83
N GLU B 111 -1.20 -24.01 5.70
CA GLU B 111 -0.36 -24.33 4.54
C GLU B 111 0.97 -23.59 4.56
N ARG B 112 1.01 -22.40 5.15
CA ARG B 112 2.14 -21.50 5.01
C ARG B 112 2.84 -21.16 6.33
N GLY B 113 2.17 -21.32 7.47
CA GLY B 113 2.77 -20.90 8.76
C GLY B 113 2.90 -19.38 8.85
N SER B 114 4.03 -18.91 9.40
CA SER B 114 4.34 -17.48 9.42
C SER B 114 5.00 -17.01 8.13
N ASP B 115 5.39 -17.94 7.26
CA ASP B 115 5.99 -17.64 5.96
C ASP B 115 4.92 -17.17 4.98
N VAL B 116 4.17 -16.14 5.36
CA VAL B 116 3.06 -15.65 4.55
C VAL B 116 2.68 -14.24 5.01
N ILE B 117 2.36 -13.40 4.06
CA ILE B 117 1.82 -12.09 4.33
C ILE B 117 0.31 -12.15 4.18
N ILE B 118 -0.42 -11.70 5.18
CA ILE B 118 -1.86 -11.79 5.15
C ILE B 118 -2.42 -10.39 5.32
N MET B 119 -3.31 -10.00 4.40
CA MET B 119 -4.07 -8.76 4.46
C MET B 119 -5.57 -9.09 4.63
N LEU B 120 -6.17 -8.63 5.74
CA LEU B 120 -7.62 -8.74 5.95
C LEU B 120 -8.32 -7.49 5.40
N VAL B 121 -9.34 -7.67 4.55
CA VAL B 121 -9.98 -6.57 3.83
C VAL B 121 -11.46 -6.54 4.19
N GLY B 122 -11.94 -5.43 4.76
CA GLY B 122 -13.38 -5.24 4.89
C GLY B 122 -13.93 -4.42 3.72
N ASN B 123 -14.59 -5.06 2.74
CA ASN B 123 -15.00 -4.44 1.48
C ASN B 123 -16.45 -3.95 1.55
N LYS B 124 -16.80 -3.08 0.57
CA LYS B 124 -18.14 -2.50 0.42
C LYS B 124 -18.44 -1.40 1.45
N THR B 125 -17.42 -0.61 1.82
CA THR B 125 -17.66 0.49 2.77
C THR B 125 -18.62 1.57 2.24
N ASP B 126 -18.90 1.61 0.93
CA ASP B 126 -19.86 2.60 0.43
C ASP B 126 -21.28 2.30 0.86
N LEU B 127 -21.56 1.06 1.30
CA LEU B 127 -22.89 0.68 1.80
C LEU B 127 -22.93 0.92 3.31
N ALA B 128 -22.63 2.18 3.65
CA ALA B 128 -22.43 2.57 5.03
C ALA B 128 -23.70 2.40 5.85
N ASP B 129 -24.86 2.64 5.24
CA ASP B 129 -26.13 2.51 5.93
C ASP B 129 -26.51 1.06 6.19
N LYS B 130 -25.78 0.11 5.63
CA LYS B 130 -26.03 -1.32 5.83
C LYS B 130 -24.93 -2.01 6.63
N ARG B 131 -23.95 -1.26 7.14
CA ARG B 131 -22.81 -1.85 7.83
C ARG B 131 -23.26 -2.71 9.01
N GLN B 132 -22.69 -3.91 9.12
CA GLN B 132 -22.95 -4.79 10.26
C GLN B 132 -21.70 -5.10 11.08
N ILE B 133 -20.50 -4.78 10.56
CA ILE B 133 -19.23 -4.94 11.27
C ILE B 133 -18.59 -3.56 11.31
N THR B 134 -18.26 -3.07 12.51
CA THR B 134 -17.61 -1.78 12.62
C THR B 134 -16.15 -1.89 12.17
N ILE B 135 -15.57 -0.75 11.81
CA ILE B 135 -14.15 -0.76 11.50
C ILE B 135 -13.33 -1.18 12.72
N GLU B 136 -13.82 -0.87 13.93
CA GLU B 136 -13.16 -1.26 15.18
C GLU B 136 -13.02 -2.78 15.28
N GLU B 137 -14.10 -3.51 14.97
CA GLU B 137 -14.06 -4.97 15.02
C GLU B 137 -13.06 -5.54 14.03
N GLY B 138 -12.98 -4.96 12.83
CA GLY B 138 -12.03 -5.47 11.86
C GLY B 138 -10.60 -5.20 12.26
N GLU B 139 -10.32 -3.97 12.72
CA GLU B 139 -8.98 -3.63 13.18
C GLU B 139 -8.56 -4.51 14.35
N GLN B 140 -9.49 -4.81 15.26
CA GLN B 140 -9.10 -5.59 16.44
C GLN B 140 -8.88 -7.06 16.05
N ARG B 141 -9.72 -7.61 15.19
CA ARG B 141 -9.48 -8.95 14.66
C ARG B 141 -8.08 -9.04 14.03
N ALA B 142 -7.73 -8.05 13.19
CA ALA B 142 -6.42 -8.04 12.55
C ALA B 142 -5.32 -7.93 13.58
N LYS B 143 -5.49 -7.06 14.57
CA LYS B 143 -4.50 -6.96 15.63
C LYS B 143 -4.31 -8.28 16.37
N GLU B 144 -5.43 -8.95 16.71
CA GLU B 144 -5.37 -10.16 17.52
C GLU B 144 -4.77 -11.33 16.74
N LEU B 145 -4.99 -11.38 15.43
CA LEU B 145 -4.44 -12.45 14.58
C LEU B 145 -3.12 -12.05 13.90
N SER B 146 -2.57 -10.86 14.22
CA SER B 146 -1.30 -10.37 13.65
C SER B 146 -1.28 -10.42 12.12
N VAL B 147 -2.31 -9.82 11.51
CA VAL B 147 -2.39 -9.69 10.05
C VAL B 147 -2.59 -8.22 9.74
N MET B 148 -2.39 -7.85 8.46
CA MET B 148 -2.63 -6.48 8.04
C MET B 148 -4.12 -6.22 7.84
N PHE B 149 -4.51 -4.94 7.82
CA PHE B 149 -5.92 -4.62 7.71
C PHE B 149 -6.14 -3.37 6.84
N ILE B 150 -7.26 -3.36 6.13
CA ILE B 150 -7.71 -2.17 5.38
C ILE B 150 -9.21 -2.34 5.13
N GLU B 151 -9.92 -1.22 5.03
CA GLU B 151 -11.30 -1.22 4.53
C GLU B 151 -11.34 -0.56 3.16
N THR B 152 -12.15 -1.13 2.26
CA THR B 152 -12.18 -0.73 0.85
C THR B 152 -13.62 -0.62 0.35
N SER B 153 -13.74 0.04 -0.81
CA SER B 153 -14.94 -0.02 -1.64
C SER B 153 -14.50 -0.23 -3.08
N ALA B 154 -14.73 -1.42 -3.62
CA ALA B 154 -14.50 -1.60 -5.05
C ALA B 154 -15.44 -0.72 -5.88
N LYS B 155 -16.65 -0.42 -5.36
CA LYS B 155 -17.61 0.38 -6.12
C LYS B 155 -17.09 1.80 -6.35
N THR B 156 -16.61 2.47 -5.30
CA THR B 156 -16.10 3.83 -5.45
C THR B 156 -14.60 3.87 -5.71
N GLY B 157 -13.90 2.75 -5.52
CA GLY B 157 -12.45 2.76 -5.60
C GLY B 157 -11.73 3.15 -4.32
N TYR B 158 -12.44 3.59 -3.28
CA TYR B 158 -11.80 4.06 -2.04
C TYR B 158 -10.90 2.96 -1.47
N ASN B 159 -9.62 3.30 -1.26
CA ASN B 159 -8.60 2.44 -0.65
C ASN B 159 -8.17 1.23 -1.49
N VAL B 160 -8.65 1.09 -2.73
CA VAL B 160 -8.27 -0.09 -3.52
C VAL B 160 -6.82 0.03 -3.98
N LYS B 161 -6.41 1.21 -4.49
CA LYS B 161 -5.01 1.41 -4.84
C LYS B 161 -4.12 1.24 -3.62
N GLN B 162 -4.59 1.72 -2.46
CA GLN B 162 -3.82 1.58 -1.22
C GLN B 162 -3.72 0.12 -0.78
N LEU B 163 -4.77 -0.65 -1.00
CA LEU B 163 -4.71 -2.09 -0.72
C LEU B 163 -3.53 -2.71 -1.47
N PHE B 164 -3.45 -2.46 -2.78
CA PHE B 164 -2.43 -3.14 -3.57
C PHE B 164 -1.06 -2.56 -3.32
N ARG B 165 -0.95 -1.26 -3.11
CA ARG B 165 0.35 -0.67 -2.75
C ARG B 165 0.85 -1.23 -1.42
N ARG B 166 -0.03 -1.34 -0.43
CA ARG B 166 0.46 -1.78 0.88
C ARG B 166 0.90 -3.24 0.83
N VAL B 167 0.19 -4.05 0.05
CA VAL B 167 0.56 -5.45 -0.13
C VAL B 167 1.88 -5.56 -0.84
N ALA B 168 2.06 -4.76 -1.90
CA ALA B 168 3.30 -4.82 -2.67
C ALA B 168 4.48 -4.32 -1.86
N SER B 169 4.28 -3.28 -1.06
CA SER B 169 5.36 -2.78 -0.22
C SER B 169 5.71 -3.73 0.91
N ALA B 170 4.83 -4.66 1.27
CA ALA B 170 5.17 -5.63 2.32
C ALA B 170 6.04 -6.75 1.79
N LEU B 171 6.23 -6.85 0.47
CA LEU B 171 7.07 -7.87 -0.11
C LEU B 171 8.53 -7.48 0.05
N PRO B 172 9.44 -8.46 0.22
CA PRO B 172 10.87 -8.18 0.30
C PRO B 172 11.38 -7.41 -0.93
N ARG C 5 -6.62 18.07 31.75
CA ARG C 5 -6.46 17.97 30.31
C ARG C 5 -5.01 18.16 29.88
N LYS C 6 -4.36 19.17 30.44
CA LYS C 6 -2.93 19.32 30.20
C LYS C 6 -2.18 18.08 30.66
N HIS C 7 -2.63 17.45 31.75
CA HIS C 7 -2.01 16.23 32.26
C HIS C 7 -2.23 15.05 31.31
N LEU C 8 -3.45 14.88 30.79
CA LEU C 8 -3.68 13.79 29.85
C LEU C 8 -2.85 13.99 28.59
N GLU C 9 -2.72 15.24 28.14
CA GLU C 9 -1.94 15.54 26.94
C GLU C 9 -0.46 15.14 27.10
N GLU C 10 0.13 15.43 28.26
CA GLU C 10 1.53 15.03 28.51
C GLU C 10 1.67 13.53 28.46
N VAL C 11 0.67 12.79 28.97
CA VAL C 11 0.71 11.34 28.96
C VAL C 11 0.63 10.79 27.54
N LEU C 12 -0.34 11.29 26.75
CA LEU C 12 -0.47 10.82 25.37
C LEU C 12 0.72 11.21 24.52
N GLU C 13 1.30 12.40 24.74
CA GLU C 13 2.44 12.78 23.94
C GLU C 13 3.61 11.83 24.17
N MET C 14 3.89 11.48 25.42
CA MET C 14 5.02 10.58 25.68
C MET C 14 4.82 9.21 25.05
N LYS C 15 3.60 8.69 25.08
CA LYS C 15 3.35 7.38 24.47
C LYS C 15 3.50 7.44 22.96
N GLN C 16 3.04 8.52 22.34
CA GLN C 16 3.21 8.62 20.90
C GLN C 16 4.69 8.76 20.52
N GLU C 17 5.46 9.53 21.30
CA GLU C 17 6.88 9.69 20.99
C GLU C 17 7.60 8.34 20.96
N ALA C 18 7.28 7.45 21.91
CA ALA C 18 7.86 6.11 21.90
C ALA C 18 7.50 5.37 20.60
N LEU C 19 6.28 5.55 20.14
CA LEU C 19 5.80 4.85 18.96
C LEU C 19 6.44 5.41 17.68
N LEU C 20 6.63 6.72 17.58
CA LEU C 20 7.25 7.28 16.38
C LEU C 20 8.70 6.81 16.24
N ALA C 21 9.43 6.78 17.35
CA ALA C 21 10.81 6.27 17.30
C ALA C 21 10.85 4.79 16.91
N ALA C 22 9.90 3.99 17.42
CA ALA C 22 9.86 2.57 17.08
C ALA C 22 9.58 2.34 15.61
N ILE C 23 8.65 3.12 15.05
CA ILE C 23 8.38 3.04 13.63
C ILE C 23 9.62 3.39 12.82
N SER C 24 10.28 4.50 13.17
CA SER C 24 11.44 4.97 12.42
C SER C 24 12.61 3.97 12.51
N GLU C 25 12.86 3.42 13.70
CA GLU C 25 13.93 2.45 13.84
C GLU C 25 13.58 1.14 13.16
N LYS C 26 12.32 0.69 13.26
CA LYS C 26 11.93 -0.50 12.49
C LYS C 26 12.16 -0.28 11.00
N ASP C 27 11.76 0.88 10.48
CA ASP C 27 11.96 1.18 9.06
C ASP C 27 13.44 1.28 8.72
N ALA C 28 14.24 1.86 9.61
CA ALA C 28 15.68 1.97 9.37
C ALA C 28 16.32 0.60 9.28
N ASN C 29 15.86 -0.34 10.11
CA ASN C 29 16.41 -1.69 10.08
C ASN C 29 16.04 -2.41 8.79
N ILE C 30 14.83 -2.19 8.29
CA ILE C 30 14.45 -2.72 6.98
C ILE C 30 15.40 -2.23 5.91
N ALA C 31 15.67 -0.92 5.89
CA ALA C 31 16.51 -0.33 4.87
C ALA C 31 17.92 -0.90 4.92
N LEU C 32 18.43 -1.15 6.12
CA LEU C 32 19.75 -1.73 6.25
C LEU C 32 19.84 -3.11 5.61
N LEU C 33 18.92 -4.00 5.96
CA LEU C 33 18.99 -5.37 5.44
C LEU C 33 18.77 -5.41 3.95
N GLU C 34 17.85 -4.57 3.44
CA GLU C 34 17.60 -4.47 2.01
C GLU C 34 18.86 -4.15 1.21
N LEU C 35 19.88 -3.57 1.83
CA LEU C 35 21.06 -3.18 1.06
C LEU C 35 21.79 -4.42 0.54
N SER C 36 21.88 -5.46 1.36
CA SER C 36 22.63 -6.67 1.07
C SER C 36 21.74 -7.91 1.10
N SER C 37 20.50 -7.76 0.63
CA SER C 37 19.50 -8.82 0.71
C SER C 37 19.70 -9.93 -0.32
N SER C 38 20.95 -10.40 -0.47
CA SER C 38 21.30 -11.39 -1.49
C SER C 38 21.21 -12.81 -0.96
N LYS C 39 20.09 -13.15 -0.32
CA LYS C 39 19.95 -14.46 0.30
C LYS C 39 18.49 -14.70 0.65
N LYS C 40 18.10 -15.99 0.63
CA LYS C 40 16.75 -16.36 1.04
C LYS C 40 16.48 -16.01 2.49
N LYS C 41 17.48 -16.21 3.37
CA LYS C 41 17.29 -15.93 4.80
C LYS C 41 17.06 -14.45 5.06
N THR C 42 17.70 -13.58 4.26
CA THR C 42 17.62 -12.14 4.50
C THR C 42 16.23 -11.61 4.13
N GLN C 43 15.69 -12.04 2.99
CA GLN C 43 14.37 -11.57 2.61
C GLN C 43 13.31 -12.04 3.60
N GLU C 44 13.51 -13.23 4.21
CA GLU C 44 12.59 -13.69 5.25
C GLU C 44 12.64 -12.79 6.48
N GLU C 45 13.83 -12.34 6.89
CA GLU C 45 13.86 -11.35 7.98
C GLU C 45 13.23 -10.03 7.54
N VAL C 46 13.51 -9.59 6.30
CA VAL C 46 12.92 -8.36 5.79
C VAL C 46 11.39 -8.45 5.82
N ALA C 47 10.83 -9.57 5.34
CA ALA C 47 9.39 -9.73 5.34
C ALA C 47 8.83 -9.62 6.76
N ALA C 48 9.51 -10.22 7.74
CA ALA C 48 9.05 -10.16 9.13
C ALA C 48 9.10 -8.74 9.68
N LEU C 49 10.22 -8.03 9.46
CA LEU C 49 10.32 -6.65 9.92
C LEU C 49 9.25 -5.77 9.26
N LYS C 50 8.94 -6.04 7.98
CA LYS C 50 7.87 -5.28 7.34
C LYS C 50 6.52 -5.56 7.99
N ARG C 51 6.24 -6.82 8.36
CA ARG C 51 5.02 -7.09 9.11
CA ARG C 51 5.03 -7.12 9.13
C ARG C 51 5.01 -6.29 10.42
N GLU C 52 6.14 -6.27 11.13
CA GLU C 52 6.22 -5.55 12.39
C GLU C 52 6.03 -4.04 12.17
N LYS C 53 6.59 -3.51 11.08
CA LYS C 53 6.40 -2.10 10.78
C LYS C 53 4.93 -1.76 10.55
N ASP C 54 4.26 -2.53 9.70
CA ASP C 54 2.84 -2.31 9.50
C ASP C 54 2.07 -2.38 10.82
N ARG C 55 2.42 -3.32 11.69
CA ARG C 55 1.74 -3.42 12.98
C ARG C 55 1.92 -2.14 13.79
N LEU C 56 3.13 -1.61 13.82
CA LEU C 56 3.41 -0.36 14.55
C LEU C 56 2.70 0.83 13.90
N VAL C 57 2.68 0.90 12.57
CA VAL C 57 1.99 2.01 11.93
C VAL C 57 0.49 1.94 12.22
N GLN C 58 -0.06 0.74 12.27
CA GLN C 58 -1.46 0.56 12.57
C GLN C 58 -1.77 0.99 14.01
N GLN C 59 -0.91 0.63 14.96
CA GLN C 59 -1.06 1.10 16.35
C GLN C 59 -1.07 2.63 16.42
N LEU C 60 -0.17 3.27 15.68
CA LEU C 60 -0.12 4.73 15.68
C LEU C 60 -1.44 5.31 15.19
N LYS C 61 -1.99 4.75 14.11
CA LYS C 61 -3.26 5.28 13.61
C LYS C 61 -4.34 5.14 14.68
N GLN C 62 -4.35 4.02 15.38
CA GLN C 62 -5.40 3.78 16.36
C GLN C 62 -5.19 4.63 17.60
N GLN C 63 -3.94 4.80 18.01
CA GLN C 63 -3.61 5.71 19.09
C GLN C 63 -4.04 7.13 18.74
N THR C 64 -3.88 7.50 17.47
CA THR C 64 -4.28 8.84 17.02
C THR C 64 -5.78 9.02 17.15
N GLN C 65 -6.57 8.03 16.72
CA GLN C 65 -8.03 8.12 16.86
C GLN C 65 -8.44 8.19 18.33
N ASN C 66 -7.80 7.39 19.19
CA ASN C 66 -8.04 7.47 20.62
C ASN C 66 -7.68 8.84 21.16
N ARG C 67 -6.55 9.39 20.70
CA ARG C 67 -6.12 10.69 21.18
C ARG C 67 -7.16 11.76 20.88
N MET C 68 -7.73 11.74 19.68
CA MET C 68 -8.73 12.72 19.32
C MET C 68 -10.06 12.47 20.02
N LYS C 69 -10.34 11.21 20.36
CA LYS C 69 -11.57 10.95 21.10
C LYS C 69 -11.43 11.46 22.52
N LEU C 70 -10.24 11.35 23.11
CA LEU C 70 -10.10 11.75 24.51
C LEU C 70 -9.92 13.25 24.64
N MET C 71 -9.57 13.91 23.54
CA MET C 71 -9.47 15.36 23.55
C MET C 71 -10.84 16.00 23.44
N ALA C 72 -11.81 15.27 22.90
CA ALA C 72 -13.17 15.74 22.69
C ALA C 72 -14.03 15.63 23.94
N ASP C 73 -13.42 15.40 25.11
CA ASP C 73 -14.15 15.38 26.37
C ASP C 73 -13.92 16.70 27.12
N ASN C 74 -14.55 16.80 28.29
CA ASN C 74 -14.67 18.04 29.05
C ASN C 74 -13.71 18.04 30.22
N TYR C 75 -12.95 19.13 30.38
CA TYR C 75 -12.01 19.32 31.48
C TYR C 75 -12.07 20.78 32.02
N PRO D 2 -8.54 -44.84 -0.93
CA PRO D 2 -7.70 -45.04 0.25
C PRO D 2 -6.25 -44.63 -0.01
N GLY D 3 -5.31 -45.58 0.07
CA GLY D 3 -3.97 -45.32 -0.41
C GLY D 3 -3.93 -45.07 -1.90
N SER D 4 -4.82 -45.72 -2.65
CA SER D 4 -4.86 -45.56 -4.09
C SER D 4 -5.36 -44.17 -4.49
N ARG D 5 -6.41 -43.67 -3.81
CA ARG D 5 -6.95 -42.35 -4.10
C ARG D 5 -5.98 -41.24 -3.70
N LYS D 6 -5.32 -41.38 -2.55
CA LYS D 6 -4.25 -40.46 -2.17
C LYS D 6 -3.17 -40.37 -3.24
N HIS D 7 -2.82 -41.50 -3.86
CA HIS D 7 -1.78 -41.48 -4.88
C HIS D 7 -2.29 -40.77 -6.13
N LEU D 8 -3.54 -41.04 -6.51
CA LEU D 8 -4.13 -40.34 -7.64
C LEU D 8 -4.24 -38.85 -7.33
N GLU D 9 -4.61 -38.50 -6.10
CA GLU D 9 -4.68 -37.10 -5.72
C GLU D 9 -3.32 -36.40 -5.87
N GLU D 10 -2.24 -37.03 -5.41
CA GLU D 10 -0.92 -36.41 -5.55
C GLU D 10 -0.51 -36.24 -7.00
N VAL D 11 -0.89 -37.19 -7.88
CA VAL D 11 -0.55 -37.05 -9.29
C VAL D 11 -1.30 -35.87 -9.91
N LEU D 12 -2.60 -35.75 -9.63
CA LEU D 12 -3.39 -34.63 -10.14
C LEU D 12 -2.87 -33.30 -9.60
N GLU D 13 -2.48 -33.27 -8.31
CA GLU D 13 -1.91 -32.05 -7.73
C GLU D 13 -0.59 -31.68 -8.39
N MET D 14 0.30 -32.66 -8.63
CA MET D 14 1.56 -32.35 -9.30
C MET D 14 1.33 -31.85 -10.74
N LYS D 15 0.37 -32.44 -11.45
CA LYS D 15 0.08 -31.95 -12.79
C LYS D 15 -0.46 -30.53 -12.72
N GLN D 16 -1.26 -30.24 -11.69
CA GLN D 16 -1.78 -28.88 -11.55
C GLN D 16 -0.67 -27.90 -11.19
N GLU D 17 0.23 -28.30 -10.28
CA GLU D 17 1.34 -27.43 -9.90
C GLU D 17 2.22 -27.09 -11.11
N ALA D 18 2.47 -28.08 -11.96
CA ALA D 18 3.20 -27.82 -13.19
C ALA D 18 2.48 -26.76 -14.02
N LEU D 19 1.15 -26.80 -14.06
CA LEU D 19 0.39 -25.83 -14.84
C LEU D 19 0.44 -24.43 -14.22
N LEU D 20 0.37 -24.33 -12.89
CA LEU D 20 0.46 -23.02 -12.26
C LEU D 20 1.82 -22.39 -12.54
N ALA D 21 2.87 -23.20 -12.47
CA ALA D 21 4.20 -22.70 -12.76
C ALA D 21 4.32 -22.24 -14.21
N ALA D 22 3.73 -23.01 -15.14
CA ALA D 22 3.79 -22.63 -16.54
C ALA D 22 3.06 -21.31 -16.81
N ILE D 23 1.87 -21.12 -16.21
CA ILE D 23 1.14 -19.85 -16.32
C ILE D 23 1.95 -18.71 -15.75
N SER D 24 2.51 -18.93 -14.56
CA SER D 24 3.30 -17.89 -13.91
C SER D 24 4.53 -17.53 -14.76
N GLU D 25 5.20 -18.54 -15.34
CA GLU D 25 6.40 -18.27 -16.14
C GLU D 25 6.05 -17.53 -17.42
N LYS D 26 5.00 -17.96 -18.12
CA LYS D 26 4.55 -17.27 -19.32
C LYS D 26 4.18 -15.82 -19.01
N ASP D 27 3.46 -15.60 -17.89
CA ASP D 27 3.09 -14.24 -17.52
C ASP D 27 4.32 -13.38 -17.22
N ALA D 28 5.33 -13.95 -16.56
CA ALA D 28 6.54 -13.19 -16.26
C ALA D 28 7.25 -12.78 -17.53
N ASN D 29 7.27 -13.67 -18.53
CA ASN D 29 7.96 -13.37 -19.78
C ASN D 29 7.24 -12.25 -20.53
N ILE D 30 5.91 -12.27 -20.51
CA ILE D 30 5.14 -11.17 -21.07
C ILE D 30 5.51 -9.86 -20.37
N ALA D 31 5.56 -9.88 -19.03
CA ALA D 31 5.84 -8.65 -18.30
C ALA D 31 7.23 -8.12 -18.63
N LEU D 32 8.21 -9.02 -18.74
CA LEU D 32 9.56 -8.60 -19.11
C LEU D 32 9.57 -8.00 -20.50
N LEU D 33 9.01 -8.71 -21.46
CA LEU D 33 9.07 -8.28 -22.86
C LEU D 33 8.30 -6.98 -23.08
N GLU D 34 7.17 -6.79 -22.38
CA GLU D 34 6.46 -5.52 -22.42
C GLU D 34 7.37 -4.35 -22.04
N LEU D 35 8.28 -4.57 -21.09
CA LEU D 35 9.15 -3.49 -20.60
C LEU D 35 10.28 -3.15 -21.58
N SER D 36 10.92 -4.17 -22.16
CA SER D 36 12.14 -3.96 -22.92
C SER D 36 11.93 -3.04 -24.12
N SER D 37 10.71 -3.02 -24.67
CA SER D 37 10.40 -2.20 -25.84
C SER D 37 8.90 -2.19 -26.11
N THR D 42 8.49 -7.21 -31.36
CA THR D 42 8.22 -7.24 -29.93
C THR D 42 6.74 -7.18 -29.62
N GLN D 43 6.04 -6.26 -30.29
CA GLN D 43 4.62 -6.10 -30.05
C GLN D 43 3.85 -7.34 -30.47
N GLU D 44 4.26 -7.95 -31.59
CA GLU D 44 3.62 -9.18 -32.06
C GLU D 44 3.98 -10.38 -31.19
N GLU D 45 5.24 -10.48 -30.79
CA GLU D 45 5.64 -11.59 -29.94
C GLU D 45 4.89 -11.55 -28.62
N VAL D 46 4.73 -10.36 -28.04
CA VAL D 46 3.93 -10.22 -26.83
C VAL D 46 2.50 -10.70 -27.08
N ALA D 47 1.91 -10.30 -28.20
CA ALA D 47 0.55 -10.75 -28.52
C ALA D 47 0.47 -12.27 -28.63
N ALA D 48 1.47 -12.89 -29.26
CA ALA D 48 1.51 -14.35 -29.36
C ALA D 48 1.70 -15.00 -28.00
N LEU D 49 2.58 -14.45 -27.16
CA LEU D 49 2.76 -15.00 -25.82
C LEU D 49 1.49 -14.85 -25.00
N LYS D 50 0.78 -13.75 -25.16
CA LYS D 50 -0.47 -13.54 -24.43
C LYS D 50 -1.51 -14.59 -24.82
N ARG D 51 -1.62 -14.90 -26.11
CA ARG D 51 -2.57 -15.92 -26.53
C ARG D 51 -2.16 -17.29 -25.98
N GLU D 52 -0.86 -17.56 -25.85
CA GLU D 52 -0.44 -18.81 -25.22
C GLU D 52 -0.83 -18.85 -23.75
N LYS D 53 -0.69 -17.73 -23.05
CA LYS D 53 -1.08 -17.67 -21.65
C LYS D 53 -2.56 -17.94 -21.47
N ASP D 54 -3.40 -17.25 -22.26
CA ASP D 54 -4.84 -17.44 -22.19
C ASP D 54 -5.21 -18.90 -22.39
N ARG D 55 -4.53 -19.57 -23.33
CA ARG D 55 -4.76 -20.99 -23.57
C ARG D 55 -4.42 -21.82 -22.34
N LEU D 56 -3.29 -21.50 -21.68
CA LEU D 56 -2.94 -22.21 -20.45
C LEU D 56 -3.94 -21.95 -19.35
N VAL D 57 -4.41 -20.71 -19.23
CA VAL D 57 -5.40 -20.40 -18.19
C VAL D 57 -6.72 -21.09 -18.48
N GLN D 58 -7.14 -21.15 -19.74
CA GLN D 58 -8.37 -21.85 -20.08
C GLN D 58 -8.21 -23.34 -19.84
N GLN D 59 -7.04 -23.89 -20.17
CA GLN D 59 -6.73 -25.27 -19.82
C GLN D 59 -6.84 -25.48 -18.31
N LEU D 60 -6.32 -24.55 -17.50
CA LEU D 60 -6.43 -24.71 -16.06
C LEU D 60 -7.88 -24.72 -15.60
N LYS D 61 -8.70 -23.82 -16.14
CA LYS D 61 -10.10 -23.77 -15.73
C LYS D 61 -10.82 -25.08 -16.08
N GLN D 62 -10.54 -25.65 -17.25
CA GLN D 62 -11.24 -26.86 -17.64
C GLN D 62 -10.72 -28.07 -16.86
N GLN D 63 -9.40 -28.17 -16.64
CA GLN D 63 -8.88 -29.22 -15.77
C GLN D 63 -9.41 -29.05 -14.35
N THR D 64 -9.62 -27.80 -13.92
CA THR D 64 -10.18 -27.55 -12.60
C THR D 64 -11.64 -27.99 -12.51
N GLN D 65 -12.47 -27.62 -13.51
CA GLN D 65 -13.87 -28.04 -13.47
C GLN D 65 -13.99 -29.55 -13.59
N ASN D 66 -13.14 -30.16 -14.42
CA ASN D 66 -13.12 -31.62 -14.51
C ASN D 66 -12.71 -32.25 -13.19
N ARG D 67 -11.66 -31.71 -12.56
CA ARG D 67 -11.25 -32.20 -11.24
C ARG D 67 -12.36 -32.00 -10.21
N MET D 68 -13.02 -30.84 -10.25
CA MET D 68 -14.08 -30.46 -9.31
C MET D 68 -15.35 -31.27 -9.51
N LYS D 69 -15.58 -31.78 -10.72
CA LYS D 69 -16.72 -32.70 -10.92
C LYS D 69 -16.41 -34.10 -10.39
N LEU D 70 -15.18 -34.56 -10.56
CA LEU D 70 -14.73 -35.91 -10.26
C LEU D 70 -14.08 -36.09 -8.88
N MET D 71 -14.04 -35.07 -8.01
CA MET D 71 -13.34 -35.22 -6.74
C MET D 71 -14.04 -36.15 -5.76
N ALA D 72 -15.35 -36.29 -5.84
CA ALA D 72 -16.11 -36.99 -4.80
C ALA D 72 -16.19 -38.50 -5.04
N ASP D 73 -15.03 -39.13 -4.93
CA ASP D 73 -14.96 -40.58 -4.92
C ASP D 73 -14.75 -41.14 -3.51
N ASN D 74 -15.07 -40.35 -2.48
CA ASN D 74 -14.63 -40.65 -1.11
C ASN D 74 -15.73 -41.22 -0.22
N TYR D 75 -16.55 -42.12 -0.75
CA TYR D 75 -17.48 -42.84 0.10
C TYR D 75 -17.50 -44.31 -0.34
#